data_6AE2
#
_entry.id   6AE2
#
_cell.length_a   78.331
_cell.length_b   78.331
_cell.length_c   182.686
_cell.angle_alpha   90.000
_cell.angle_beta   90.000
_cell.angle_gamma   90.000
#
_symmetry.space_group_name_H-M   'P 41 21 2'
#
loop_
_entity.id
_entity.type
_entity.pdbx_description
1 polymer Csm3
2 water water
#
_entity_poly.entity_id   1
_entity_poly.type   'polypeptide(L)'
_entity_poly.pdbx_seq_one_letter_code
;MGSSHHHHHHSSGLVPRGSHMSDSKWKYNIIYNMEIEVLTGLHIGGSNEELKIGGTDSPVITTKYLINNVEPCDLPYIPG
SSIKGKIRSLLENVDYKGKNGDDIVSKMFGYYPNAGEGIKRLTRLIIRDAFLDDGHIKSAEDARNVIEIKSENKIDPIES
KATPRFIERVRRGTKFKGKIILSIYEGDNEEEMIKCLKTGISLLEDSYLGGNGTRGYGSVKITLGEPIKKGIDKYEENIK
DNTSNGSEN
;
_entity_poly.pdbx_strand_id   A,B
#
# COMPACT_ATOMS: atom_id res chain seq x y z
N LYS A 25 -13.98 19.57 -31.85
CA LYS A 25 -14.35 18.39 -32.62
C LYS A 25 -13.67 17.13 -32.06
N TRP A 26 -14.46 16.08 -31.93
CA TRP A 26 -14.00 14.85 -31.29
C TRP A 26 -13.27 13.96 -32.29
N LYS A 27 -12.15 13.38 -31.84
CA LYS A 27 -11.36 12.45 -32.66
C LYS A 27 -11.67 11.00 -32.31
N TYR A 28 -11.38 10.61 -31.07
CA TYR A 28 -11.55 9.23 -30.64
C TYR A 28 -11.46 9.16 -29.12
N ASN A 29 -11.93 8.05 -28.57
CA ASN A 29 -11.68 7.70 -27.18
C ASN A 29 -10.55 6.69 -27.11
N ILE A 30 -9.71 6.83 -26.08
CA ILE A 30 -8.70 5.83 -25.76
C ILE A 30 -9.22 5.03 -24.59
N ILE A 31 -9.30 3.71 -24.75
CA ILE A 31 -9.84 2.81 -23.74
C ILE A 31 -8.68 2.07 -23.09
N TYR A 32 -8.65 2.07 -21.76
CA TYR A 32 -7.67 1.32 -20.99
C TYR A 32 -8.40 0.31 -20.12
N ASN A 33 -8.05 -0.96 -20.25
CA ASN A 33 -8.57 -2.00 -19.35
C ASN A 33 -7.63 -2.09 -18.17
N MET A 34 -7.90 -1.29 -17.14
CA MET A 34 -7.01 -1.13 -16.01
C MET A 34 -7.19 -2.26 -15.00
N GLU A 35 -6.07 -2.69 -14.41
CA GLU A 35 -6.08 -3.66 -13.33
C GLU A 35 -5.43 -3.04 -12.10
N ILE A 36 -6.03 -3.28 -10.93
CA ILE A 36 -5.56 -2.74 -9.66
C ILE A 36 -5.31 -3.92 -8.73
N GLU A 37 -4.04 -4.12 -8.37
CA GLU A 37 -3.67 -5.19 -7.45
C GLU A 37 -3.37 -4.60 -6.08
N VAL A 38 -3.96 -5.19 -5.05
CA VAL A 38 -3.73 -4.78 -3.67
C VAL A 38 -2.40 -5.36 -3.19
N LEU A 39 -1.49 -4.49 -2.75
CA LEU A 39 -0.21 -4.91 -2.19
C LEU A 39 -0.20 -4.92 -0.67
N THR A 40 -0.79 -3.90 -0.03
CA THR A 40 -1.08 -3.94 1.39
C THR A 40 -2.57 -3.74 1.58
N GLY A 41 -3.10 -4.29 2.69
CA GLY A 41 -4.50 -4.22 3.02
C GLY A 41 -5.13 -2.87 2.72
N LEU A 42 -6.21 -2.88 1.95
CA LEU A 42 -6.78 -1.66 1.39
C LEU A 42 -8.11 -1.37 2.06
N HIS A 43 -8.27 -0.15 2.55
CA HIS A 43 -9.48 0.26 3.27
C HIS A 43 -10.07 1.50 2.61
N ILE A 44 -11.15 1.31 1.85
CA ILE A 44 -11.98 2.40 1.37
C ILE A 44 -13.31 2.30 2.11
N GLY A 45 -13.55 3.25 3.01
CA GLY A 45 -14.69 3.14 3.91
C GLY A 45 -16.01 3.34 3.19
N GLY A 46 -17.05 2.74 3.77
CA GLY A 46 -18.38 2.83 3.22
C GLY A 46 -19.04 4.18 3.42
N ASP A 57 -15.16 -0.37 14.77
CA ASP A 57 -15.48 -1.20 13.62
C ASP A 57 -15.88 -0.35 12.41
N SER A 58 -15.15 -0.50 11.31
CA SER A 58 -15.46 0.22 10.09
C SER A 58 -15.31 -0.69 8.88
N PRO A 59 -16.39 -0.99 8.17
CA PRO A 59 -16.31 -1.87 7.01
C PRO A 59 -15.90 -1.12 5.75
N VAL A 60 -15.47 -1.89 4.76
CA VAL A 60 -15.12 -1.33 3.46
C VAL A 60 -16.37 -1.28 2.60
N ILE A 61 -16.34 -0.41 1.59
CA ILE A 61 -17.49 -0.24 0.72
C ILE A 61 -17.65 -1.48 -0.15
N THR A 62 -18.88 -1.95 -0.29
CA THR A 62 -19.17 -3.18 -1.01
C THR A 62 -20.37 -2.98 -1.94
N THR A 63 -20.54 -3.93 -2.85
CA THR A 63 -21.71 -4.01 -3.70
C THR A 63 -21.98 -5.47 -4.01
N LYS A 64 -23.16 -5.74 -4.56
CA LYS A 64 -23.58 -7.11 -4.81
C LYS A 64 -22.84 -7.69 -6.01
N TYR A 65 -22.28 -8.88 -5.83
CA TYR A 65 -21.77 -9.71 -6.92
C TYR A 65 -22.60 -10.98 -7.00
N LEU A 66 -22.70 -11.54 -8.20
CA LEU A 66 -23.25 -12.87 -8.41
C LEU A 66 -22.07 -13.81 -8.56
N ILE A 67 -21.71 -14.48 -7.47
CA ILE A 67 -20.49 -15.30 -7.41
C ILE A 67 -20.78 -16.67 -8.01
N ASN A 68 -19.89 -17.11 -8.91
CA ASN A 68 -20.03 -18.37 -9.65
C ASN A 68 -21.30 -18.39 -10.50
N ASN A 69 -21.88 -17.22 -10.76
CA ASN A 69 -23.12 -17.09 -11.53
C ASN A 69 -24.31 -17.70 -10.79
N VAL A 70 -24.23 -17.78 -9.46
CA VAL A 70 -25.28 -18.38 -8.63
C VAL A 70 -25.61 -17.47 -7.46
N GLU A 71 -24.60 -17.21 -6.63
CA GLU A 71 -24.79 -16.79 -5.25
C GLU A 71 -24.60 -15.29 -5.12
N PRO A 72 -25.65 -14.55 -4.72
CA PRO A 72 -25.46 -13.13 -4.43
C PRO A 72 -24.54 -12.94 -3.24
N CYS A 73 -23.58 -12.03 -3.39
CA CYS A 73 -22.60 -11.78 -2.36
C CYS A 73 -22.20 -10.32 -2.38
N ASP A 74 -22.14 -9.71 -1.20
CA ASP A 74 -21.63 -8.34 -1.07
C ASP A 74 -20.11 -8.42 -0.97
N LEU A 75 -19.43 -7.74 -1.89
CA LEU A 75 -17.98 -7.84 -1.99
C LEU A 75 -17.41 -6.46 -2.28
N PRO A 76 -16.14 -6.23 -1.96
CA PRO A 76 -15.54 -4.90 -2.18
C PRO A 76 -15.53 -4.51 -3.66
N TYR A 77 -15.55 -3.20 -3.88
CA TYR A 77 -15.22 -2.62 -5.17
C TYR A 77 -14.48 -1.32 -4.90
N ILE A 78 -13.75 -0.85 -5.90
CA ILE A 78 -12.96 0.37 -5.78
C ILE A 78 -13.69 1.48 -6.53
N PRO A 79 -14.24 2.47 -5.84
CA PRO A 79 -14.93 3.56 -6.55
C PRO A 79 -13.97 4.35 -7.43
N GLY A 80 -14.45 4.72 -8.61
CA GLY A 80 -13.63 5.54 -9.49
C GLY A 80 -13.29 6.89 -8.89
N SER A 81 -14.16 7.40 -8.02
CA SER A 81 -13.87 8.67 -7.34
C SER A 81 -12.62 8.55 -6.50
N SER A 82 -12.39 7.37 -5.90
CA SER A 82 -11.21 7.19 -5.04
C SER A 82 -9.93 7.26 -5.86
N ILE A 83 -9.88 6.56 -6.99
CA ILE A 83 -8.68 6.58 -7.83
C ILE A 83 -8.47 7.97 -8.41
N LYS A 84 -9.52 8.52 -9.04
CA LYS A 84 -9.39 9.83 -9.69
C LYS A 84 -9.08 10.92 -8.68
N GLY A 85 -9.78 10.91 -7.54
CA GLY A 85 -9.53 11.92 -6.53
C GLY A 85 -8.14 11.83 -5.94
N LYS A 86 -7.63 10.61 -5.74
CA LYS A 86 -6.30 10.44 -5.18
C LYS A 86 -5.23 10.84 -6.18
N ILE A 87 -5.36 10.40 -7.43
CA ILE A 87 -4.38 10.76 -8.45
C ILE A 87 -4.37 12.26 -8.67
N ARG A 88 -5.55 12.89 -8.68
CA ARG A 88 -5.63 14.32 -8.88
C ARG A 88 -4.94 15.07 -7.75
N SER A 89 -5.23 14.69 -6.50
CA SER A 89 -4.60 15.36 -5.36
C SER A 89 -3.09 15.19 -5.36
N LEU A 90 -2.60 14.05 -5.84
CA LEU A 90 -1.15 13.82 -5.89
C LEU A 90 -0.49 14.72 -6.91
N LEU A 91 -1.13 14.93 -8.06
CA LEU A 91 -0.56 15.81 -9.07
C LEU A 91 -0.60 17.27 -8.62
N GLU A 92 -1.66 17.66 -7.90
CA GLU A 92 -1.72 19.00 -7.34
C GLU A 92 -0.70 19.20 -6.22
N ASN A 93 -0.25 18.12 -5.58
CA ASN A 93 0.78 18.23 -4.55
C ASN A 93 2.16 18.44 -5.17
N VAL A 94 2.42 17.80 -6.31
CA VAL A 94 3.71 17.97 -6.99
C VAL A 94 3.70 19.14 -7.97
N ASP A 95 2.58 19.86 -8.07
CA ASP A 95 2.46 21.00 -8.99
C ASP A 95 2.73 20.57 -10.44
N TYR A 96 1.95 19.59 -10.89
CA TYR A 96 2.09 19.11 -12.26
C TYR A 96 1.48 20.11 -13.22
N LYS A 97 2.27 20.57 -14.18
CA LYS A 97 1.80 21.39 -15.28
C LYS A 97 2.20 20.72 -16.60
N GLY A 98 1.54 21.13 -17.67
CA GLY A 98 1.74 20.50 -18.96
C GLY A 98 3.11 20.77 -19.55
N LYS A 99 3.22 20.50 -20.86
CA LYS A 99 4.48 20.73 -21.57
C LYS A 99 4.91 22.19 -21.47
N ASN A 100 3.95 23.11 -21.38
CA ASN A 100 4.24 24.51 -21.08
C ASN A 100 3.80 24.80 -19.65
N GLY A 101 3.13 25.93 -19.45
CA GLY A 101 2.55 26.24 -18.16
C GLY A 101 1.10 25.85 -18.01
N ASP A 102 0.54 25.13 -18.96
CA ASP A 102 -0.89 24.90 -19.01
C ASP A 102 -1.35 23.97 -17.89
N ASP A 103 -2.61 24.14 -17.50
CA ASP A 103 -3.23 23.33 -16.45
C ASP A 103 -3.86 22.10 -17.10
N ILE A 104 -3.01 21.14 -17.47
CA ILE A 104 -3.50 19.90 -18.04
C ILE A 104 -4.24 19.08 -17.00
N VAL A 105 -3.86 19.22 -15.73
CA VAL A 105 -4.56 18.51 -14.66
C VAL A 105 -6.03 18.93 -14.62
N SER A 106 -6.28 20.24 -14.60
CA SER A 106 -7.65 20.73 -14.64
C SER A 106 -8.36 20.31 -15.93
N LYS A 107 -7.67 20.46 -17.07
CA LYS A 107 -8.29 20.15 -18.34
C LYS A 107 -8.68 18.68 -18.45
N MET A 108 -7.93 17.79 -17.81
CA MET A 108 -8.24 16.37 -17.84
C MET A 108 -9.25 15.99 -16.75
N PHE A 109 -8.91 16.26 -15.50
CA PHE A 109 -9.72 15.83 -14.36
C PHE A 109 -10.90 16.75 -14.11
N GLY A 110 -10.99 17.89 -14.79
CA GLY A 110 -12.14 18.76 -14.64
C GLY A 110 -11.84 19.99 -13.81
N TYR A 111 -12.50 21.10 -14.14
CA TYR A 111 -12.36 22.34 -13.39
C TYR A 111 -13.33 22.36 -12.21
N LEU A 122 -16.64 20.12 -20.62
CA LEU A 122 -16.50 19.00 -21.55
C LEU A 122 -15.54 17.96 -20.99
N THR A 123 -15.97 16.70 -21.01
CA THR A 123 -15.30 15.62 -20.29
C THR A 123 -14.19 14.99 -21.13
N ARG A 124 -13.02 14.81 -20.51
CA ARG A 124 -11.87 14.21 -21.18
C ARG A 124 -11.41 12.90 -20.57
N LEU A 125 -11.76 12.62 -19.31
CA LEU A 125 -11.23 11.43 -18.64
C LEU A 125 -12.26 10.88 -17.68
N ILE A 126 -12.65 9.62 -17.89
CA ILE A 126 -13.49 8.88 -16.95
C ILE A 126 -12.67 7.73 -16.40
N ILE A 127 -12.64 7.62 -15.07
CA ILE A 127 -12.17 6.42 -14.39
C ILE A 127 -13.38 5.79 -13.72
N ARG A 128 -13.76 4.61 -14.20
CA ARG A 128 -14.96 3.95 -13.72
C ARG A 128 -14.66 3.12 -12.47
N ASP A 129 -15.72 2.71 -11.79
CA ASP A 129 -15.57 1.82 -10.65
C ASP A 129 -14.94 0.51 -11.10
N ALA A 130 -14.04 -0.01 -10.27
CA ALA A 130 -13.35 -1.26 -10.56
C ALA A 130 -13.91 -2.37 -9.66
N PHE A 131 -14.11 -3.55 -10.26
CA PHE A 131 -14.74 -4.65 -9.56
C PHE A 131 -13.81 -5.86 -9.55
N LEU A 132 -14.06 -6.76 -8.58
CA LEU A 132 -13.20 -7.91 -8.37
C LEU A 132 -13.07 -8.76 -9.61
N ASP A 133 -11.83 -9.01 -10.01
CA ASP A 133 -11.55 -10.15 -10.88
C ASP A 133 -11.96 -11.39 -10.12
N ASP A 134 -13.17 -11.89 -10.37
CA ASP A 134 -13.63 -13.13 -9.73
C ASP A 134 -13.16 -14.32 -10.56
N GLY A 135 -11.83 -14.49 -10.57
CA GLY A 135 -11.20 -15.56 -11.31
C GLY A 135 -10.93 -16.81 -10.49
N HIS A 136 -10.67 -16.63 -9.21
CA HIS A 136 -10.51 -17.75 -8.30
C HIS A 136 -11.49 -17.63 -7.15
N ILE A 137 -12.65 -17.05 -7.44
CA ILE A 137 -13.71 -16.83 -6.47
C ILE A 137 -14.92 -17.62 -6.97
N LYS A 138 -15.10 -18.84 -6.45
CA LYS A 138 -16.14 -19.75 -6.89
C LYS A 138 -17.22 -20.06 -5.86
N SER A 139 -17.16 -19.47 -4.67
CA SER A 139 -18.19 -19.69 -3.66
C SER A 139 -18.18 -18.50 -2.71
N ALA A 140 -19.35 -18.21 -2.12
CA ALA A 140 -19.48 -17.05 -1.25
C ALA A 140 -18.55 -17.10 -0.04
N GLU A 141 -18.07 -18.29 0.34
CA GLU A 141 -17.09 -18.35 1.41
C GLU A 141 -15.69 -18.05 0.90
N ASP A 142 -15.37 -18.47 -0.33
CA ASP A 142 -14.17 -17.98 -1.00
C ASP A 142 -14.19 -16.47 -1.14
N ALA A 143 -15.39 -15.89 -1.24
CA ALA A 143 -15.57 -14.47 -1.49
C ALA A 143 -14.86 -13.61 -0.45
N ARG A 144 -15.41 -13.52 0.76
CA ARG A 144 -14.91 -12.63 1.79
C ARG A 144 -13.77 -13.22 2.61
N ASN A 145 -13.12 -14.28 2.12
CA ASN A 145 -11.70 -14.44 2.41
C ASN A 145 -10.93 -13.22 1.94
N VAL A 146 -11.44 -12.55 0.89
CA VAL A 146 -10.85 -11.32 0.36
C VAL A 146 -10.71 -10.26 1.45
N ILE A 147 -11.52 -10.33 2.51
CA ILE A 147 -11.57 -9.28 3.51
C ILE A 147 -10.93 -9.77 4.81
N GLU A 148 -9.98 -9.00 5.31
CA GLU A 148 -9.37 -9.23 6.61
C GLU A 148 -9.90 -8.23 7.62
N ILE A 149 -10.14 -8.70 8.83
CA ILE A 149 -10.48 -7.84 9.96
C ILE A 149 -9.21 -7.54 10.73
N LYS A 150 -8.81 -6.27 10.76
CA LYS A 150 -7.56 -5.85 11.35
C LYS A 150 -7.83 -4.94 12.54
N SER A 151 -7.27 -5.29 13.69
CA SER A 151 -7.41 -4.48 14.90
C SER A 151 -6.39 -3.36 14.92
N GLU A 152 -6.82 -2.20 15.41
CA GLU A 152 -5.94 -1.05 15.65
C GLU A 152 -6.34 -0.34 16.95
N PRO A 164 -8.88 0.00 20.44
CA PRO A 164 -8.79 -1.34 19.83
C PRO A 164 -9.96 -1.64 18.91
N ARG A 165 -10.18 -0.78 17.91
CA ARG A 165 -11.24 -1.00 16.95
C ARG A 165 -10.79 -1.99 15.88
N PHE A 166 -11.77 -2.48 15.10
CA PHE A 166 -11.53 -3.53 14.11
C PHE A 166 -11.87 -2.98 12.73
N ILE A 167 -10.85 -2.87 11.88
CA ILE A 167 -10.98 -2.25 10.57
C ILE A 167 -10.92 -3.34 9.50
N GLU A 168 -11.82 -3.25 8.53
CA GLU A 168 -11.82 -4.18 7.40
C GLU A 168 -10.82 -3.71 6.34
N ARG A 169 -10.19 -4.68 5.70
CA ARG A 169 -9.27 -4.41 4.60
C ARG A 169 -9.41 -5.49 3.54
N VAL A 170 -9.13 -5.11 2.29
CA VAL A 170 -9.08 -6.06 1.19
C VAL A 170 -7.68 -6.64 1.17
N ARG A 171 -7.57 -7.96 1.35
CA ARG A 171 -6.27 -8.57 1.57
C ARG A 171 -5.37 -8.40 0.34
N ARG A 172 -4.07 -8.47 0.60
CA ARG A 172 -3.09 -8.37 -0.47
C ARG A 172 -3.30 -9.46 -1.50
N GLY A 173 -3.22 -9.09 -2.78
CA GLY A 173 -3.31 -10.03 -3.86
C GLY A 173 -4.63 -10.04 -4.60
N THR A 174 -5.70 -9.51 -4.02
CA THR A 174 -6.94 -9.41 -4.75
C THR A 174 -6.82 -8.36 -5.85
N LYS A 175 -7.49 -8.61 -6.96
CA LYS A 175 -7.34 -7.79 -8.16
C LYS A 175 -8.68 -7.21 -8.57
N PHE A 176 -8.65 -5.97 -9.03
CA PHE A 176 -9.83 -5.25 -9.49
C PHE A 176 -9.66 -4.89 -10.96
N LYS A 177 -10.75 -5.00 -11.71
CA LYS A 177 -10.76 -4.66 -13.13
C LYS A 177 -11.68 -3.47 -13.37
N GLY A 178 -11.18 -2.47 -14.09
CA GLY A 178 -11.97 -1.30 -14.40
C GLY A 178 -11.47 -0.64 -15.65
N LYS A 179 -12.35 0.13 -16.27
CA LYS A 179 -12.04 0.85 -17.51
C LYS A 179 -11.66 2.29 -17.22
N ILE A 180 -10.74 2.81 -18.03
CA ILE A 180 -10.45 4.24 -18.08
C ILE A 180 -10.69 4.71 -19.51
N ILE A 181 -11.50 5.75 -19.67
CA ILE A 181 -11.86 6.27 -20.98
C ILE A 181 -11.30 7.67 -21.10
N LEU A 182 -10.45 7.87 -22.11
CA LEU A 182 -9.83 9.15 -22.40
C LEU A 182 -10.39 9.64 -23.74
N SER A 183 -11.05 10.80 -23.73
CA SER A 183 -11.61 11.38 -24.94
C SER A 183 -10.64 12.40 -25.52
N ILE A 184 -10.35 12.28 -26.81
CA ILE A 184 -9.36 13.10 -27.49
C ILE A 184 -10.08 13.96 -28.52
N TYR A 185 -9.80 15.26 -28.50
CA TYR A 185 -10.38 16.21 -29.44
C TYR A 185 -9.27 16.85 -30.26
N GLU A 186 -9.64 17.34 -31.44
CA GLU A 186 -8.67 18.03 -32.29
C GLU A 186 -8.19 19.30 -31.58
N GLY A 187 -6.87 19.47 -31.53
CA GLY A 187 -6.25 20.50 -30.74
C GLY A 187 -5.71 20.03 -29.41
N ASP A 188 -5.97 18.78 -29.04
CA ASP A 188 -5.50 18.21 -27.78
C ASP A 188 -4.15 17.54 -27.97
N ASN A 189 -3.31 17.61 -26.94
CA ASN A 189 -2.00 16.96 -26.94
C ASN A 189 -2.16 15.59 -26.29
N GLU A 190 -2.45 14.58 -27.11
CA GLU A 190 -2.70 13.24 -26.61
C GLU A 190 -1.51 12.71 -25.82
N GLU A 191 -0.30 12.92 -26.33
CA GLU A 191 0.88 12.39 -25.67
C GLU A 191 1.07 13.02 -24.28
N GLU A 192 0.78 14.32 -24.16
CA GLU A 192 0.91 14.98 -22.86
C GLU A 192 -0.15 14.49 -21.87
N MET A 193 -1.36 14.23 -22.36
CA MET A 193 -2.44 13.78 -21.48
C MET A 193 -2.17 12.37 -20.95
N ILE A 194 -1.76 11.47 -21.83
CA ILE A 194 -1.36 10.13 -21.38
C ILE A 194 -0.24 10.23 -20.36
N LYS A 195 0.76 11.07 -20.65
CA LYS A 195 1.89 11.23 -19.74
C LYS A 195 1.43 11.74 -18.38
N CYS A 196 0.56 12.76 -18.38
CA CYS A 196 0.01 13.25 -17.12
C CYS A 196 -0.72 12.15 -16.37
N LEU A 197 -1.40 11.27 -17.09
CA LEU A 197 -2.09 10.14 -16.46
C LEU A 197 -1.08 9.13 -15.92
N LYS A 198 -0.05 8.82 -16.70
CA LYS A 198 0.91 7.80 -16.31
C LYS A 198 1.65 8.19 -15.04
N THR A 199 2.20 9.41 -14.99
CA THR A 199 2.96 9.82 -13.82
C THR A 199 2.08 10.00 -12.60
N GLY A 200 0.80 10.34 -12.79
CA GLY A 200 -0.12 10.31 -11.67
C GLY A 200 -0.26 8.92 -11.09
N ILE A 201 -0.31 7.91 -11.95
CA ILE A 201 -0.32 6.52 -11.49
C ILE A 201 0.98 6.20 -10.78
N SER A 202 2.11 6.69 -11.30
CA SER A 202 3.39 6.48 -10.65
C SER A 202 3.41 7.08 -9.25
N LEU A 203 2.88 8.30 -9.12
CA LEU A 203 2.80 8.93 -7.80
C LEU A 203 1.99 8.09 -6.82
N LEU A 204 0.89 7.50 -7.29
CA LEU A 204 0.01 6.76 -6.41
C LEU A 204 0.67 5.51 -5.86
N GLU A 205 1.56 4.87 -6.63
CA GLU A 205 2.17 3.64 -6.18
C GLU A 205 3.22 3.87 -5.09
N ASP A 206 3.79 5.07 -5.00
CA ASP A 206 4.58 5.46 -3.84
C ASP A 206 3.72 6.13 -2.77
N SER A 207 2.40 6.06 -2.92
CA SER A 207 1.46 6.52 -1.91
C SER A 207 0.47 5.40 -1.62
N TYR A 208 -0.82 5.74 -1.47
CA TYR A 208 -1.79 4.75 -1.05
C TYR A 208 -3.19 5.17 -1.47
N LEU A 209 -4.07 4.18 -1.61
CA LEU A 209 -5.50 4.39 -1.79
C LEU A 209 -6.22 4.19 -0.46
N GLY A 210 -7.33 4.91 -0.29
CA GLY A 210 -8.14 4.76 0.90
C GLY A 210 -7.54 5.46 2.11
N GLY A 211 -7.90 4.95 3.28
CA GLY A 211 -7.50 5.54 4.54
C GLY A 211 -6.43 4.71 5.24
N ASN A 212 -5.88 5.30 6.31
CA ASN A 212 -4.89 4.67 7.17
C ASN A 212 -3.59 4.35 6.42
N GLY A 213 -3.24 5.20 5.44
CA GLY A 213 -2.00 5.00 4.72
C GLY A 213 -0.77 5.18 5.58
N THR A 214 -0.87 6.01 6.63
CA THR A 214 0.22 6.12 7.60
C THR A 214 0.42 4.80 8.35
N ARG A 215 -0.65 4.06 8.59
CA ARG A 215 -0.55 2.74 9.20
C ARG A 215 -0.02 1.69 8.24
N GLY A 216 0.16 2.02 6.97
CA GLY A 216 0.60 1.07 5.98
C GLY A 216 -0.48 0.46 5.12
N TYR A 217 -1.70 1.00 5.17
CA TYR A 217 -2.80 0.46 4.36
C TYR A 217 -2.68 0.92 2.91
N GLY A 218 -3.33 0.16 2.03
CA GLY A 218 -3.69 0.67 0.72
C GLY A 218 -2.58 0.88 -0.28
N SER A 219 -1.47 0.16 -0.17
CA SER A 219 -0.50 0.17 -1.26
C SER A 219 -1.04 -0.64 -2.42
N VAL A 220 -0.90 -0.09 -3.63
CA VAL A 220 -1.62 -0.59 -4.79
C VAL A 220 -0.68 -0.59 -5.99
N LYS A 221 -0.78 -1.62 -6.82
CA LYS A 221 -0.10 -1.68 -8.11
C LYS A 221 -1.15 -1.54 -9.21
N ILE A 222 -1.01 -0.52 -10.03
CA ILE A 222 -1.96 -0.22 -11.11
C ILE A 222 -1.31 -0.61 -12.43
N THR A 223 -2.04 -1.38 -13.24
CA THR A 223 -1.57 -1.85 -14.53
C THR A 223 -2.58 -1.41 -15.60
N LEU A 224 -2.18 -0.46 -16.43
CA LEU A 224 -2.92 -0.18 -17.65
C LEU A 224 -2.49 -1.16 -18.73
N GLY A 225 -3.46 -1.61 -19.52
CA GLY A 225 -3.17 -2.46 -20.66
C GLY A 225 -2.60 -1.63 -21.79
N GLU A 226 -2.65 -2.22 -22.98
CA GLU A 226 -2.33 -1.39 -24.14
C GLU A 226 -3.56 -0.55 -24.52
N PRO A 227 -3.35 0.68 -24.96
CA PRO A 227 -4.51 1.54 -25.28
C PRO A 227 -5.27 1.03 -26.50
N ILE A 228 -6.60 1.05 -26.39
CA ILE A 228 -7.49 0.78 -27.50
C ILE A 228 -8.09 2.10 -27.95
N LYS A 229 -7.78 2.51 -29.18
CA LYS A 229 -8.36 3.71 -29.77
C LYS A 229 -9.63 3.33 -30.53
N LYS A 230 -10.72 4.02 -30.24
CA LYS A 230 -11.99 3.81 -30.93
C LYS A 230 -12.47 5.12 -31.52
N GLY A 231 -12.52 5.19 -32.85
CA GLY A 231 -13.10 6.31 -33.56
C GLY A 231 -14.55 6.04 -33.90
N ILE A 232 -15.11 6.96 -34.70
CA ILE A 232 -16.51 6.82 -35.10
C ILE A 232 -16.74 5.51 -35.83
N ASP A 233 -15.74 5.01 -36.55
CA ASP A 233 -15.91 3.76 -37.29
C ASP A 233 -16.11 2.58 -36.35
N LYS A 234 -15.32 2.51 -35.28
CA LYS A 234 -15.40 1.36 -34.37
C LYS A 234 -16.69 1.34 -33.57
N TYR A 235 -17.38 2.48 -33.44
CA TYR A 235 -18.70 2.48 -32.82
C TYR A 235 -19.80 2.06 -33.78
N GLU A 236 -19.45 1.68 -35.00
CA GLU A 236 -20.39 1.06 -35.93
C GLU A 236 -19.83 -0.27 -36.42
N LYS B 25 5.00 22.76 -0.09
CA LYS B 25 5.60 22.44 -1.38
C LYS B 25 6.46 21.17 -1.29
N TRP B 26 6.17 20.22 -2.17
CA TRP B 26 6.83 18.93 -2.18
C TRP B 26 8.14 19.00 -2.97
N LYS B 27 9.19 18.37 -2.44
CA LYS B 27 10.49 18.33 -3.08
C LYS B 27 10.80 16.96 -3.68
N TYR B 28 10.92 15.93 -2.85
CA TYR B 28 11.12 14.57 -3.36
C TYR B 28 10.67 13.56 -2.30
N ASN B 29 10.62 12.31 -2.72
CA ASN B 29 10.42 11.18 -1.83
C ASN B 29 11.72 10.41 -1.67
N ILE B 30 11.89 9.81 -0.50
CA ILE B 30 13.05 8.98 -0.20
C ILE B 30 12.56 7.57 0.08
N ILE B 31 12.95 6.62 -0.76
CA ILE B 31 12.47 5.25 -0.68
C ILE B 31 13.57 4.37 -0.10
N TYR B 32 13.23 3.64 0.96
CA TYR B 32 14.11 2.65 1.57
C TYR B 32 13.51 1.27 1.36
N ASN B 33 14.26 0.37 0.73
CA ASN B 33 13.91 -1.04 0.72
C ASN B 33 14.33 -1.63 2.06
N MET B 34 13.35 -2.00 2.87
CA MET B 34 13.58 -2.42 4.25
C MET B 34 13.56 -3.93 4.36
N GLU B 35 14.44 -4.49 5.19
CA GLU B 35 14.42 -5.90 5.51
C GLU B 35 14.35 -6.07 7.02
N ILE B 36 13.57 -7.06 7.46
CA ILE B 36 13.35 -7.36 8.87
C ILE B 36 13.64 -8.84 9.07
N GLU B 37 14.66 -9.14 9.87
CA GLU B 37 15.02 -10.52 10.17
C GLU B 37 14.70 -10.84 11.62
N VAL B 38 13.97 -11.93 11.84
CA VAL B 38 13.65 -12.36 13.19
C VAL B 38 14.89 -12.97 13.83
N LEU B 39 15.25 -12.47 15.01
CA LEU B 39 16.33 -13.03 15.80
C LEU B 39 15.85 -13.97 16.90
N THR B 40 14.72 -13.66 17.54
CA THR B 40 14.05 -14.58 18.45
C THR B 40 12.56 -14.55 18.14
N GLY B 41 11.92 -15.71 18.30
CA GLY B 41 10.51 -15.92 18.00
C GLY B 41 9.61 -14.72 18.13
N LEU B 42 9.10 -14.23 17.01
CA LEU B 42 8.31 -13.00 16.95
C LEU B 42 6.83 -13.37 16.92
N HIS B 43 6.07 -12.82 17.88
CA HIS B 43 4.63 -13.04 17.96
C HIS B 43 3.91 -11.71 17.81
N ILE B 44 3.21 -11.53 16.70
CA ILE B 44 2.32 -10.40 16.49
C ILE B 44 0.91 -10.97 16.36
N GLY B 45 0.05 -10.70 17.34
CA GLY B 45 -1.22 -11.37 17.43
C GLY B 45 -2.22 -10.92 16.39
N GLY B 46 -3.20 -11.79 16.14
CA GLY B 46 -4.25 -11.51 15.18
C GLY B 46 -5.49 -10.90 15.82
N ASP B 57 -4.10 -21.39 22.89
CA ASP B 57 -3.76 -21.21 21.48
C ASP B 57 -3.93 -19.76 21.05
N SER B 58 -2.84 -19.15 20.60
CA SER B 58 -2.84 -17.74 20.19
C SER B 58 -2.05 -17.60 18.90
N PRO B 59 -2.73 -17.47 17.76
CA PRO B 59 -2.04 -17.42 16.47
C PRO B 59 -1.45 -16.05 16.19
N VAL B 60 -0.52 -16.03 15.23
CA VAL B 60 0.08 -14.79 14.76
C VAL B 60 -0.68 -14.32 13.53
N ILE B 61 -0.64 -13.00 13.29
CA ILE B 61 -1.37 -12.44 12.16
C ILE B 61 -0.79 -12.98 10.86
N THR B 62 -1.69 -13.40 9.96
CA THR B 62 -1.29 -14.03 8.71
C THR B 62 -2.12 -13.47 7.56
N THR B 63 -1.66 -13.75 6.35
CA THR B 63 -2.40 -13.41 5.14
C THR B 63 -2.14 -14.49 4.10
N LYS B 64 -2.94 -14.47 3.04
CA LYS B 64 -2.83 -15.47 1.98
C LYS B 64 -1.57 -15.21 1.15
N TYR B 65 -0.70 -16.21 1.08
CA TYR B 65 0.43 -16.25 0.17
C TYR B 65 0.18 -17.30 -0.89
N LEU B 66 1.03 -17.33 -1.90
CA LEU B 66 0.99 -18.34 -2.95
C LEU B 66 2.30 -19.11 -2.93
N ILE B 67 2.22 -20.42 -2.75
CA ILE B 67 3.38 -21.30 -2.76
C ILE B 67 3.62 -21.77 -4.19
N ASN B 68 4.83 -21.57 -4.69
CA ASN B 68 5.19 -21.83 -6.08
C ASN B 68 4.32 -21.05 -7.06
N ASN B 69 3.63 -20.02 -6.55
CA ASN B 69 2.61 -19.28 -7.32
C ASN B 69 1.51 -20.21 -7.83
N VAL B 70 1.17 -21.23 -7.04
CA VAL B 70 0.11 -22.17 -7.41
C VAL B 70 -0.91 -22.29 -6.30
N GLU B 71 -0.47 -22.77 -5.13
CA GLU B 71 -1.26 -23.22 -3.99
C GLU B 71 -1.35 -22.15 -2.91
N PRO B 72 -2.54 -21.93 -2.35
CA PRO B 72 -2.70 -20.93 -1.30
C PRO B 72 -2.23 -21.43 0.05
N CYS B 73 -1.86 -20.49 0.91
CA CYS B 73 -1.36 -20.80 2.24
C CYS B 73 -1.40 -19.53 3.08
N ASP B 74 -1.74 -19.68 4.35
CA ASP B 74 -1.80 -18.55 5.29
C ASP B 74 -0.49 -18.49 6.05
N LEU B 75 0.28 -17.44 5.79
CA LEU B 75 1.62 -17.27 6.31
C LEU B 75 1.75 -15.88 6.94
N PRO B 76 2.72 -15.69 7.84
CA PRO B 76 2.77 -14.45 8.60
C PRO B 76 3.22 -13.26 7.77
N TYR B 77 2.90 -12.07 8.28
CA TYR B 77 3.47 -10.83 7.79
C TYR B 77 3.61 -9.89 8.98
N ILE B 78 4.40 -8.84 8.80
CA ILE B 78 4.59 -7.83 9.84
C ILE B 78 3.81 -6.58 9.43
N PRO B 79 2.75 -6.20 10.15
CA PRO B 79 2.02 -4.99 9.79
C PRO B 79 2.88 -3.75 9.98
N GLY B 80 2.78 -2.83 9.02
CA GLY B 80 3.54 -1.60 9.12
C GLY B 80 3.23 -0.80 10.37
N SER B 81 2.00 -0.94 10.89
CA SER B 81 1.63 -0.24 12.11
C SER B 81 2.39 -0.78 13.32
N SER B 82 2.75 -2.06 13.31
CA SER B 82 3.54 -2.60 14.41
C SER B 82 4.91 -1.95 14.47
N ILE B 83 5.59 -1.84 13.33
CA ILE B 83 6.92 -1.25 13.30
C ILE B 83 6.86 0.24 13.62
N LYS B 84 5.97 0.96 12.94
CA LYS B 84 5.87 2.40 13.15
C LYS B 84 5.42 2.71 14.57
N GLY B 85 4.47 1.95 15.09
CA GLY B 85 3.99 2.19 16.44
C GLY B 85 5.05 1.93 17.50
N LYS B 86 5.79 0.82 17.36
CA LYS B 86 6.82 0.50 18.34
C LYS B 86 7.98 1.49 18.25
N ILE B 87 8.37 1.89 17.04
CA ILE B 87 9.48 2.83 16.89
C ILE B 87 9.10 4.18 17.49
N ARG B 88 7.88 4.65 17.23
CA ARG B 88 7.47 5.92 17.83
C ARG B 88 7.32 5.78 19.34
N SER B 89 6.76 4.66 19.81
CA SER B 89 6.65 4.44 21.24
C SER B 89 8.02 4.48 21.92
N LEU B 90 9.02 3.87 21.28
CA LEU B 90 10.38 3.89 21.84
C LEU B 90 10.95 5.30 21.84
N LEU B 91 10.78 6.02 20.72
CA LEU B 91 11.30 7.38 20.64
C LEU B 91 10.71 8.28 21.71
N GLU B 92 9.45 8.04 22.11
CA GLU B 92 8.79 8.89 23.08
C GLU B 92 9.26 8.61 24.50
N ASN B 93 9.47 7.33 24.84
CA ASN B 93 10.02 7.00 26.15
C ASN B 93 11.42 7.56 26.34
N VAL B 94 12.10 7.89 25.24
CA VAL B 94 13.42 8.51 25.28
C VAL B 94 13.33 10.04 25.31
N ASP B 95 12.17 10.61 24.97
CA ASP B 95 11.97 12.07 24.88
C ASP B 95 12.78 12.66 23.72
N TYR B 96 12.76 11.97 22.58
CA TYR B 96 13.53 12.39 21.43
C TYR B 96 13.02 13.73 20.89
N LYS B 97 13.96 14.62 20.56
CA LYS B 97 13.64 15.92 19.99
C LYS B 97 14.63 16.21 18.87
N GLY B 98 14.28 17.20 18.05
CA GLY B 98 15.16 17.64 16.99
C GLY B 98 16.36 18.40 17.52
N LYS B 99 17.04 19.09 16.60
CA LYS B 99 18.22 19.85 17.00
C LYS B 99 17.86 20.97 17.97
N ASN B 100 16.66 21.53 17.84
CA ASN B 100 16.08 22.43 18.82
C ASN B 100 15.03 21.67 19.61
N GLY B 101 13.97 22.34 20.04
CA GLY B 101 12.88 21.66 20.74
C GLY B 101 11.93 20.98 19.78
N ASP B 102 12.40 20.72 18.56
CA ASP B 102 11.58 20.18 17.49
C ASP B 102 10.92 18.87 17.90
N ASP B 103 9.59 18.84 17.85
CA ASP B 103 8.85 17.58 17.97
C ASP B 103 8.87 16.91 16.60
N ILE B 104 10.08 16.49 16.21
CA ILE B 104 10.27 15.83 14.91
C ILE B 104 9.53 14.51 14.86
N VAL B 105 9.35 13.86 16.02
CA VAL B 105 8.56 12.63 16.08
C VAL B 105 7.14 12.90 15.60
N SER B 106 6.55 14.02 16.02
CA SER B 106 5.22 14.38 15.56
C SER B 106 5.23 14.78 14.09
N LYS B 107 6.21 15.60 13.69
CA LYS B 107 6.29 16.05 12.31
C LYS B 107 6.43 14.88 11.34
N MET B 108 7.01 13.76 11.80
CA MET B 108 7.22 12.62 10.94
C MET B 108 6.11 11.59 11.11
N PHE B 109 6.01 11.00 12.30
CA PHE B 109 5.05 9.93 12.56
C PHE B 109 3.61 10.44 12.67
N GLY B 110 3.40 11.74 12.71
CA GLY B 110 2.07 12.31 12.76
C GLY B 110 1.73 12.90 14.12
N TYR B 111 0.68 13.70 14.14
CA TYR B 111 0.18 14.29 15.37
C TYR B 111 -1.03 13.52 15.90
N LEU B 122 -0.12 16.75 6.53
CA LEU B 122 0.56 16.10 5.42
C LEU B 122 1.29 14.84 5.90
N THR B 123 1.41 13.86 4.99
CA THR B 123 2.09 12.61 5.29
C THR B 123 3.58 12.76 4.97
N ARG B 124 4.42 12.30 5.90
CA ARG B 124 5.86 12.33 5.71
C ARG B 124 6.53 10.98 5.77
N LEU B 125 6.00 10.04 6.56
CA LEU B 125 6.62 8.74 6.75
C LEU B 125 5.56 7.66 6.61
N ILE B 126 5.74 6.78 5.63
CA ILE B 126 4.93 5.58 5.47
C ILE B 126 5.83 4.37 5.71
N ILE B 127 5.36 3.46 6.55
CA ILE B 127 5.99 2.15 6.73
C ILE B 127 4.98 1.11 6.32
N ARG B 128 5.24 0.45 5.19
CA ARG B 128 4.31 -0.50 4.63
C ARG B 128 4.43 -1.84 5.34
N ASP B 129 3.39 -2.66 5.21
CA ASP B 129 3.44 -4.03 5.72
C ASP B 129 4.60 -4.78 5.08
N ALA B 130 5.20 -5.67 5.85
CA ALA B 130 6.36 -6.45 5.40
C ALA B 130 5.93 -7.90 5.21
N PHE B 131 6.30 -8.48 4.08
CA PHE B 131 5.86 -9.81 3.71
C PHE B 131 7.07 -10.74 3.56
N LEU B 132 6.78 -12.03 3.68
CA LEU B 132 7.82 -13.06 3.69
C LEU B 132 8.70 -12.96 2.45
N ASP B 133 10.01 -13.01 2.67
CA ASP B 133 10.96 -13.15 1.57
C ASP B 133 10.55 -14.33 0.71
N ASP B 134 10.65 -14.15 -0.61
CA ASP B 134 10.16 -15.15 -1.55
C ASP B 134 10.93 -16.46 -1.45
N GLY B 135 11.97 -16.50 -0.61
CA GLY B 135 12.68 -17.74 -0.38
C GLY B 135 11.90 -18.71 0.49
N HIS B 136 11.12 -18.18 1.44
CA HIS B 136 10.32 -19.02 2.32
C HIS B 136 9.07 -19.59 1.66
N ILE B 137 8.81 -19.29 0.39
CA ILE B 137 7.57 -19.71 -0.24
C ILE B 137 7.85 -20.37 -1.59
N LYS B 138 8.95 -21.11 -1.69
CA LYS B 138 9.22 -21.89 -2.90
C LYS B 138 8.65 -23.30 -2.83
N SER B 139 8.15 -23.71 -1.66
CA SER B 139 7.56 -25.04 -1.47
C SER B 139 6.86 -25.04 -0.12
N ALA B 140 5.91 -25.96 0.05
CA ALA B 140 5.34 -26.20 1.36
C ALA B 140 6.39 -26.64 2.36
N GLU B 141 7.50 -27.19 1.87
CA GLU B 141 8.65 -27.47 2.72
C GLU B 141 8.99 -26.32 3.65
N ASP B 142 8.89 -25.07 3.18
CA ASP B 142 9.38 -23.94 3.97
C ASP B 142 8.29 -23.24 4.78
N ALA B 143 7.01 -23.38 4.41
CA ALA B 143 5.93 -22.67 5.10
C ALA B 143 5.68 -23.22 6.49
N ARG B 144 5.93 -24.52 6.70
CA ARG B 144 5.68 -25.12 8.01
C ARG B 144 6.73 -24.73 9.03
N ASN B 145 7.99 -24.64 8.62
CA ASN B 145 9.07 -24.24 9.52
C ASN B 145 8.97 -22.77 9.93
N VAL B 146 8.19 -21.96 9.20
CA VAL B 146 8.14 -20.53 9.48
C VAL B 146 7.53 -20.26 10.85
N ILE B 147 6.51 -21.02 11.23
CA ILE B 147 5.77 -20.81 12.46
C ILE B 147 6.16 -21.86 13.48
N GLU B 148 6.57 -21.41 14.66
CA GLU B 148 6.85 -22.28 15.80
C GLU B 148 5.69 -22.20 16.79
N ILE B 149 5.30 -23.36 17.31
CA ILE B 149 4.29 -23.43 18.37
C ILE B 149 5.03 -23.61 19.69
N LYS B 150 5.03 -22.57 20.50
CA LYS B 150 5.79 -22.54 21.75
C LYS B 150 4.85 -22.51 22.94
N SER B 151 5.09 -23.41 23.90
CA SER B 151 4.27 -23.50 25.09
C SER B 151 4.75 -22.53 26.15
N GLU B 152 3.80 -21.95 26.89
CA GLU B 152 4.12 -21.02 27.98
C GLU B 152 3.19 -21.23 29.16
N ARG B 165 -0.83 -23.18 27.66
CA ARG B 165 -1.04 -22.29 26.52
C ARG B 165 0.02 -22.48 25.45
N PHE B 166 -0.42 -22.60 24.20
CA PHE B 166 0.47 -22.73 23.05
C PHE B 166 0.44 -21.42 22.27
N ILE B 167 1.59 -20.78 22.16
CA ILE B 167 1.71 -19.49 21.49
C ILE B 167 2.50 -19.67 20.20
N GLU B 168 1.90 -19.29 19.08
CA GLU B 168 2.61 -19.26 17.82
C GLU B 168 3.59 -18.09 17.79
N ARG B 169 4.72 -18.30 17.11
CA ARG B 169 5.69 -17.23 16.92
C ARG B 169 6.52 -17.55 15.70
N VAL B 170 6.90 -16.49 14.97
CA VAL B 170 7.65 -16.67 13.73
C VAL B 170 9.08 -17.04 14.07
N ARG B 171 9.58 -18.08 13.40
CA ARG B 171 10.86 -18.68 13.77
C ARG B 171 12.02 -17.72 13.54
N ARG B 172 13.08 -17.90 14.32
CA ARG B 172 14.31 -17.13 14.13
C ARG B 172 14.89 -17.40 12.75
N GLY B 173 15.20 -16.34 12.03
CA GLY B 173 15.84 -16.45 10.73
C GLY B 173 14.96 -16.16 9.54
N THR B 174 13.64 -16.11 9.72
CA THR B 174 12.76 -15.74 8.61
C THR B 174 12.86 -14.25 8.35
N LYS B 175 12.83 -13.88 7.07
CA LYS B 175 13.06 -12.51 6.64
C LYS B 175 11.81 -11.94 6.01
N PHE B 176 11.54 -10.67 6.31
CA PHE B 176 10.45 -9.92 5.70
C PHE B 176 11.01 -8.70 5.00
N LYS B 177 10.32 -8.24 3.96
CA LYS B 177 10.69 -7.00 3.30
C LYS B 177 9.47 -6.13 3.04
N GLY B 178 9.71 -4.82 3.13
CA GLY B 178 8.71 -3.80 2.87
C GLY B 178 9.42 -2.51 2.54
N LYS B 179 8.64 -1.46 2.33
CA LYS B 179 9.17 -0.17 1.93
C LYS B 179 8.91 0.87 3.01
N ILE B 180 9.89 1.75 3.21
CA ILE B 180 9.71 2.97 3.99
C ILE B 180 9.80 4.14 3.02
N ILE B 181 8.70 4.89 2.90
CA ILE B 181 8.63 6.04 2.02
C ILE B 181 8.65 7.29 2.88
N LEU B 182 9.63 8.15 2.64
CA LEU B 182 9.72 9.46 3.27
C LEU B 182 9.44 10.53 2.22
N SER B 183 8.58 11.48 2.56
CA SER B 183 8.30 12.63 1.71
C SER B 183 8.91 13.87 2.34
N ILE B 184 9.66 14.64 1.55
CA ILE B 184 10.37 15.82 2.03
C ILE B 184 9.75 17.05 1.40
N TYR B 185 9.43 18.03 2.22
CA TYR B 185 8.82 19.27 1.76
C TYR B 185 9.76 20.44 2.01
N GLU B 186 9.41 21.58 1.42
CA GLU B 186 10.19 22.80 1.60
C GLU B 186 10.21 23.21 3.07
N GLY B 187 11.40 23.33 3.63
CA GLY B 187 11.56 23.72 5.01
C GLY B 187 11.64 22.59 6.01
N ASP B 188 11.43 21.35 5.58
CA ASP B 188 11.61 20.21 6.46
C ASP B 188 13.08 19.84 6.58
N ASN B 189 13.46 19.35 7.76
CA ASN B 189 14.85 19.02 8.06
C ASN B 189 15.08 17.57 7.68
N GLU B 190 15.58 17.35 6.46
CA GLU B 190 15.76 16.00 5.96
C GLU B 190 16.79 15.22 6.78
N GLU B 191 17.90 15.89 7.13
CA GLU B 191 18.95 15.21 7.90
C GLU B 191 18.44 14.73 9.25
N GLU B 192 17.67 15.58 9.94
CA GLU B 192 17.15 15.19 11.24
C GLU B 192 16.04 14.16 11.12
N MET B 193 15.25 14.23 10.05
CA MET B 193 14.20 13.23 9.83
C MET B 193 14.81 11.84 9.69
N ILE B 194 15.81 11.70 8.81
CA ILE B 194 16.49 10.41 8.65
C ILE B 194 17.13 9.98 9.96
N LYS B 195 17.76 10.93 10.67
CA LYS B 195 18.39 10.59 11.94
C LYS B 195 17.38 10.12 12.96
N CYS B 196 16.19 10.76 13.01
CA CYS B 196 15.17 10.34 13.96
C CYS B 196 14.66 8.94 13.63
N LEU B 197 14.42 8.66 12.34
CA LEU B 197 13.98 7.32 11.95
C LEU B 197 15.03 6.28 12.31
N LYS B 198 16.29 6.53 11.94
CA LYS B 198 17.35 5.56 12.19
C LYS B 198 17.57 5.37 13.69
N THR B 199 17.43 6.45 14.47
CA THR B 199 17.57 6.33 15.92
C THR B 199 16.48 5.42 16.49
N GLY B 200 15.25 5.56 16.01
CA GLY B 200 14.18 4.69 16.46
C GLY B 200 14.42 3.24 16.09
N ILE B 201 14.85 3.00 14.85
CA ILE B 201 15.20 1.64 14.44
C ILE B 201 16.29 1.08 15.34
N SER B 202 17.31 1.88 15.62
CA SER B 202 18.40 1.43 16.49
C SER B 202 17.88 1.05 17.87
N LEU B 203 16.99 1.89 18.42
CA LEU B 203 16.40 1.58 19.72
C LEU B 203 15.58 0.30 19.67
N LEU B 204 14.92 0.04 18.53
CA LEU B 204 14.08 -1.14 18.42
C LEU B 204 14.89 -2.42 18.55
N GLU B 205 16.13 -2.42 18.06
CA GLU B 205 16.94 -3.63 18.08
C GLU B 205 17.34 -4.04 19.49
N ASP B 206 17.31 -3.13 20.45
CA ASP B 206 17.49 -3.46 21.86
C ASP B 206 16.16 -3.59 22.59
N SER B 207 15.04 -3.51 21.87
CA SER B 207 13.73 -3.82 22.42
C SER B 207 13.17 -5.03 21.67
N TYR B 208 11.91 -4.97 21.26
CA TYR B 208 11.28 -6.11 20.61
C TYR B 208 10.02 -5.67 19.88
N LEU B 209 9.62 -6.48 18.91
CA LEU B 209 8.34 -6.33 18.23
C LEU B 209 7.37 -7.39 18.76
N GLY B 210 6.09 -7.00 18.83
CA GLY B 210 5.06 -7.95 19.21
C GLY B 210 4.91 -8.09 20.73
N GLY B 211 4.49 -9.28 21.15
CA GLY B 211 4.21 -9.54 22.55
C GLY B 211 5.19 -10.47 23.23
N ASN B 212 5.18 -10.46 24.56
CA ASN B 212 6.03 -11.32 25.39
C ASN B 212 7.51 -11.03 25.16
N GLY B 213 7.84 -9.75 24.97
CA GLY B 213 9.24 -9.36 24.88
C GLY B 213 10.01 -9.68 26.16
N THR B 214 9.33 -9.61 27.31
CA THR B 214 9.96 -9.99 28.57
C THR B 214 10.43 -11.43 28.55
N ARG B 215 9.64 -12.31 27.92
CA ARG B 215 9.98 -13.73 27.81
C ARG B 215 11.01 -13.99 26.71
N GLY B 216 11.56 -12.94 26.10
CA GLY B 216 12.55 -13.11 25.06
C GLY B 216 12.01 -13.13 23.65
N TYR B 217 10.73 -12.86 23.45
CA TYR B 217 10.14 -12.87 22.13
C TYR B 217 10.56 -11.64 21.33
N GLY B 218 10.49 -11.76 20.00
CA GLY B 218 10.41 -10.60 19.13
C GLY B 218 11.68 -9.79 18.96
N SER B 219 12.84 -10.35 19.22
CA SER B 219 14.07 -9.66 18.86
C SER B 219 14.18 -9.62 17.34
N VAL B 220 14.54 -8.46 16.81
CA VAL B 220 14.42 -8.18 15.39
C VAL B 220 15.62 -7.36 14.92
N LYS B 221 16.16 -7.72 13.76
CA LYS B 221 17.21 -6.95 13.10
C LYS B 221 16.63 -6.29 11.86
N ILE B 222 16.65 -4.96 11.83
CA ILE B 222 16.10 -4.17 10.72
C ILE B 222 17.25 -3.61 9.90
N THR B 223 17.18 -3.80 8.59
CA THR B 223 18.23 -3.35 7.67
C THR B 223 17.60 -2.46 6.62
N LEU B 224 18.02 -1.20 6.57
CA LEU B 224 17.60 -0.27 5.54
C LEU B 224 18.54 -0.35 4.36
N GLY B 225 17.98 -0.36 3.15
CA GLY B 225 18.80 -0.26 1.96
C GLY B 225 19.39 1.14 1.84
N GLU B 226 20.07 1.38 0.73
CA GLU B 226 20.53 2.72 0.44
C GLU B 226 19.34 3.57 0.01
N PRO B 227 19.31 4.85 0.37
CA PRO B 227 18.13 5.67 0.04
C PRO B 227 18.03 5.93 -1.45
N ILE B 228 16.80 5.88 -1.96
CA ILE B 228 16.50 6.19 -3.35
C ILE B 228 15.73 7.50 -3.37
N LYS B 229 16.38 8.56 -3.84
CA LYS B 229 15.72 9.85 -3.96
C LYS B 229 14.91 9.90 -5.25
N LYS B 230 13.64 10.29 -5.12
CA LYS B 230 12.72 10.34 -6.26
C LYS B 230 12.02 11.69 -6.28
N GLY B 231 12.52 12.59 -7.13
CA GLY B 231 11.82 13.82 -7.45
C GLY B 231 10.82 13.58 -8.57
N ILE B 232 10.29 14.70 -9.10
CA ILE B 232 9.37 14.61 -10.23
C ILE B 232 10.01 13.88 -11.41
N ASP B 233 11.34 13.91 -11.49
CA ASP B 233 12.04 13.27 -12.60
C ASP B 233 11.76 11.77 -12.65
N LYS B 234 11.95 11.07 -11.52
CA LYS B 234 11.83 9.61 -11.53
C LYS B 234 10.38 9.15 -11.68
N TYR B 235 9.40 10.03 -11.47
CA TYR B 235 8.00 9.66 -11.66
C TYR B 235 7.51 9.92 -13.08
N GLU B 236 8.25 10.68 -13.88
CA GLU B 236 7.93 10.85 -15.29
C GLU B 236 8.72 9.85 -16.14
#